data_4GJY
#
_entry.id   4GJY
#
_cell.length_a   49.818
_cell.length_b   64.165
_cell.length_c   76.865
_cell.angle_alpha   90.00
_cell.angle_beta   90.00
_cell.angle_gamma   90.00
#
_symmetry.space_group_name_H-M   'P 21 21 21'
#
loop_
_entity.id
_entity.type
_entity.pdbx_description
1 polymer 'JmjC domain-containing protein 5'
2 non-polymer 'COBALT (II) ION'
3 non-polymer N-OXALYLGLYCINE
4 water water
#
_entity_poly.entity_id   1
_entity_poly.type   'polypeptide(L)'
_entity_poly.pdbx_seq_one_letter_code
;STVPRLHRPSLQHFREQFLVPGRPVILKGVADHWPC(MSE)QKWSLEYIQEIAGCRTVPVEVGSRYTDEEWSQTL(MSE)
TVNEFISKYIVNEPRDVGYLAQHQLFDQIPELKQDISIPDYCSLGDGEEEEITINAWFGPQGTISPLHQDPQQNFLVQV
(MSE)GRKYIRLYSPQESGALYPHDTHLLHNTSQVDVENPDLEKFPKFAKAPFLSCILSPGEILFIPVKYWHYVRALDLS
FSVSFWWS
;
_entity_poly.pdbx_strand_id   A
#
loop_
_chem_comp.id
_chem_comp.type
_chem_comp.name
_chem_comp.formula
CO non-polymer 'COBALT (II) ION' 'Co 2'
OGA non-polymer N-OXALYLGLYCINE 'C4 H5 N O5'
#
# COMPACT_ATOMS: atom_id res chain seq x y z
N SER A 1 -16.59 7.32 5.64
CA SER A 1 -16.53 7.19 7.10
C SER A 1 -15.21 6.52 7.45
N THR A 2 -14.81 6.55 8.71
CA THR A 2 -13.47 6.11 9.05
C THR A 2 -13.42 4.57 9.11
N VAL A 3 -12.36 4.00 8.59
CA VAL A 3 -12.11 2.57 8.72
C VAL A 3 -12.02 2.19 10.20
N PRO A 4 -12.72 1.12 10.60
CA PRO A 4 -12.62 0.70 12.01
C PRO A 4 -11.21 0.27 12.41
N ARG A 5 -10.83 0.55 13.65
CA ARG A 5 -9.57 0.09 14.23
C ARG A 5 -9.86 -0.95 15.31
N LEU A 6 -9.18 -2.10 15.24
CA LEU A 6 -9.36 -3.18 16.21
C LEU A 6 -8.00 -3.62 16.71
N HIS A 7 -7.90 -3.79 18.01
CA HIS A 7 -6.68 -4.22 18.65
C HIS A 7 -6.60 -5.73 18.71
N ARG A 8 -5.62 -6.31 18.02
CA ARG A 8 -5.35 -7.74 18.06
CA ARG A 8 -5.34 -7.74 18.06
C ARG A 8 -6.61 -8.60 18.09
N PRO A 9 -7.47 -8.46 17.06
CA PRO A 9 -8.69 -9.31 17.07
C PRO A 9 -8.35 -10.79 16.91
N SER A 10 -9.23 -11.67 17.38
CA SER A 10 -9.01 -13.10 17.20
C SER A 10 -9.04 -13.43 15.71
N LEU A 11 -8.42 -14.55 15.35
CA LEU A 11 -8.46 -15.04 13.98
C LEU A 11 -9.90 -15.21 13.53
N GLN A 12 -10.72 -15.83 14.36
CA GLN A 12 -12.12 -16.11 14.03
CA GLN A 12 -12.08 -16.11 13.93
C GLN A 12 -12.92 -14.83 13.81
N HIS A 13 -12.70 -13.85 14.67
CA HIS A 13 -13.44 -12.59 14.54
C HIS A 13 -13.02 -11.85 13.27
N PHE A 14 -11.72 -11.83 13.00
CA PHE A 14 -11.26 -11.22 11.77
C PHE A 14 -11.87 -11.96 10.56
N ARG A 15 -11.87 -13.28 10.60
CA ARG A 15 -12.43 -14.08 9.51
C ARG A 15 -13.89 -13.76 9.28
N GLU A 16 -14.70 -13.83 10.33
CA GLU A 16 -16.14 -13.75 10.17
C GLU A 16 -16.67 -12.36 9.89
N GLN A 17 -16.02 -11.34 10.47
CA GLN A 17 -16.55 -9.99 10.37
C GLN A 17 -15.85 -9.14 9.34
N PHE A 18 -14.70 -9.59 8.84
CA PHE A 18 -13.94 -8.78 7.88
C PHE A 18 -13.53 -9.55 6.63
N LEU A 19 -12.84 -10.68 6.79
CA LEU A 19 -12.33 -11.40 5.63
C LEU A 19 -13.45 -11.95 4.76
N VAL A 20 -14.39 -12.68 5.37
CA VAL A 20 -15.45 -13.31 4.58
C VAL A 20 -16.37 -12.28 3.93
N PRO A 21 -16.86 -11.27 4.69
CA PRO A 21 -17.72 -10.27 4.05
C PRO A 21 -16.96 -9.23 3.22
N GLY A 22 -15.63 -9.21 3.30
CA GLY A 22 -14.86 -8.27 2.51
C GLY A 22 -14.96 -6.84 3.00
N ARG A 23 -14.76 -6.64 4.30
CA ARG A 23 -14.86 -5.31 4.91
C ARG A 23 -13.48 -4.85 5.39
N PRO A 24 -13.08 -3.61 5.05
CA PRO A 24 -11.79 -3.13 5.52
C PRO A 24 -11.72 -2.92 7.04
N VAL A 25 -10.52 -3.02 7.58
CA VAL A 25 -10.28 -2.78 9.00
C VAL A 25 -8.80 -2.45 9.16
N ILE A 26 -8.50 -1.67 10.18
CA ILE A 26 -7.12 -1.43 10.60
C ILE A 26 -6.83 -2.26 11.84
N LEU A 27 -5.78 -3.06 11.76
CA LEU A 27 -5.34 -3.90 12.88
C LEU A 27 -4.27 -3.19 13.67
N LYS A 28 -4.52 -3.03 14.96
CA LYS A 28 -3.64 -2.38 15.90
C LYS A 28 -2.98 -3.44 16.80
N GLY A 29 -1.76 -3.15 17.23
CA GLY A 29 -1.08 -4.02 18.17
C GLY A 29 -0.53 -5.30 17.56
N VAL A 30 -0.46 -5.35 16.24
CA VAL A 30 -0.03 -6.55 15.53
C VAL A 30 1.38 -6.38 14.99
N ALA A 31 1.59 -5.35 14.17
CA ALA A 31 2.91 -5.07 13.59
C ALA A 31 3.70 -4.02 14.36
N ASP A 32 3.16 -3.49 15.44
CA ASP A 32 3.75 -2.32 16.07
C ASP A 32 5.14 -2.54 16.67
N HIS A 33 5.49 -3.79 16.97
CA HIS A 33 6.82 -4.11 17.47
C HIS A 33 7.65 -4.97 16.51
N TRP A 34 7.24 -5.05 15.24
CA TRP A 34 8.14 -5.67 14.29
C TRP A 34 9.47 -4.90 14.27
N PRO A 35 10.60 -5.57 14.02
CA PRO A 35 11.88 -4.88 14.06
C PRO A 35 11.97 -3.65 13.14
N CYS A 36 11.31 -3.70 11.99
CA CYS A 36 11.33 -2.58 11.07
C CYS A 36 10.89 -1.27 11.73
N MSE A 37 10.02 -1.36 12.71
CA MSE A 37 9.38 -0.16 13.25
C MSE A 37 10.39 0.75 13.92
O MSE A 37 10.33 1.97 13.79
CB MSE A 37 8.25 -0.52 14.22
CG MSE A 37 7.14 -1.31 13.53
SE MSE A 37 6.30 -0.31 12.12
CE MSE A 37 5.28 -1.72 11.35
H MSE A 37 9.76 -2.08 13.09
HA MSE A 37 8.97 0.34 12.50
HB2 MSE A 37 8.61 -1.07 14.93
HB3 MSE A 37 7.86 0.29 14.58
HG2 MSE A 37 7.51 -2.11 13.15
HG3 MSE A 37 6.46 -1.53 14.18
HE1 MSE A 37 4.78 -1.37 10.61
HE2 MSE A 37 5.87 -2.41 11.05
HE3 MSE A 37 4.67 -2.06 12.02
N GLN A 38 11.36 0.15 14.60
CA GLN A 38 12.42 0.93 15.23
C GLN A 38 13.70 1.02 14.40
N LYS A 39 13.93 0.02 13.56
CA LYS A 39 15.20 -0.04 12.84
C LYS A 39 15.25 0.78 11.57
N TRP A 40 14.13 0.88 10.85
CA TRP A 40 14.18 1.51 9.53
C TRP A 40 14.19 3.03 9.62
N SER A 41 15.12 3.59 8.86
CA SER A 41 15.44 5.00 8.85
C SER A 41 16.19 5.13 7.55
N LEU A 42 16.34 6.35 7.06
CA LEU A 42 17.09 6.56 5.83
C LEU A 42 18.49 5.96 5.96
N GLU A 43 19.13 6.15 7.11
CA GLU A 43 20.50 5.70 7.25
C GLU A 43 20.62 4.17 7.22
N TYR A 44 19.67 3.47 7.85
N TYR A 44 19.66 3.51 7.87
CA TYR A 44 19.73 2.02 7.83
CA TYR A 44 19.62 2.06 7.90
C TYR A 44 19.39 1.48 6.46
C TYR A 44 19.36 1.49 6.50
N ILE A 45 18.40 2.08 5.79
CA ILE A 45 18.09 1.67 4.43
C ILE A 45 19.31 1.87 3.52
N GLN A 46 20.00 3.01 3.64
CA GLN A 46 21.22 3.21 2.86
C GLN A 46 22.26 2.13 3.14
N GLU A 47 22.47 1.85 4.42
CA GLU A 47 23.48 0.88 4.79
C GLU A 47 23.20 -0.51 4.23
N ILE A 48 21.95 -0.96 4.29
CA ILE A 48 21.62 -2.32 3.92
CA ILE A 48 21.64 -2.32 3.90
C ILE A 48 21.31 -2.47 2.43
N ALA A 49 20.72 -1.45 1.83
CA ALA A 49 20.17 -1.55 0.49
C ALA A 49 20.72 -0.56 -0.51
N GLY A 50 21.55 0.38 -0.06
CA GLY A 50 21.92 1.54 -0.87
C GLY A 50 22.47 1.23 -2.26
N CYS A 51 23.24 0.15 -2.37
CA CYS A 51 23.91 -0.19 -3.61
CA CYS A 51 23.90 -0.19 -3.62
C CYS A 51 23.04 -1.00 -4.59
N ARG A 52 21.83 -1.36 -4.16
CA ARG A 52 21.01 -2.23 -5.00
C ARG A 52 20.14 -1.43 -5.96
N THR A 53 19.89 -2.01 -7.13
CA THR A 53 19.06 -1.38 -8.16
C THR A 53 17.58 -1.57 -7.88
N VAL A 54 16.81 -0.48 -8.00
CA VAL A 54 15.38 -0.54 -7.81
C VAL A 54 14.65 0.23 -8.91
N PRO A 55 13.43 -0.19 -9.22
CA PRO A 55 12.59 0.55 -10.15
C PRO A 55 11.94 1.74 -9.45
N VAL A 56 11.88 2.86 -10.17
CA VAL A 56 11.35 4.10 -9.63
C VAL A 56 10.36 4.68 -10.62
N GLU A 57 9.17 5.02 -10.13
CA GLU A 57 8.17 5.70 -10.92
C GLU A 57 8.27 7.19 -10.69
N VAL A 58 8.40 7.93 -11.79
CA VAL A 58 8.64 9.36 -11.71
C VAL A 58 7.42 10.08 -12.25
N GLY A 59 6.99 11.11 -11.53
CA GLY A 59 5.89 11.95 -11.97
C GLY A 59 4.60 11.57 -11.27
N TRP A 67 5.01 11.39 -16.73
CA TRP A 67 5.25 10.16 -16.00
C TRP A 67 6.25 9.25 -16.71
N SER A 68 7.11 8.59 -15.93
CA SER A 68 8.08 7.63 -16.48
C SER A 68 8.51 6.59 -15.45
N GLN A 69 9.18 5.54 -15.95
CA GLN A 69 9.67 4.44 -15.12
C GLN A 69 11.15 4.26 -15.39
N THR A 70 11.96 4.25 -14.33
CA THR A 70 13.39 4.19 -14.52
C THR A 70 14.00 3.25 -13.48
N LEU A 71 15.33 3.14 -13.50
CA LEU A 71 16.09 2.29 -12.61
C LEU A 71 17.24 3.08 -12.05
N MSE A 72 17.52 2.91 -10.77
CA MSE A 72 18.66 3.56 -10.15
C MSE A 72 18.96 2.82 -8.85
O MSE A 72 18.18 1.97 -8.42
CB MSE A 72 18.39 5.04 -9.91
CG MSE A 72 17.32 5.27 -8.86
SE MSE A 72 16.66 7.08 -8.85
CE MSE A 72 15.74 7.02 -10.53
H MSE A 72 17.06 2.42 -10.23
HA MSE A 72 19.44 3.49 -10.74
HB2 MSE A 72 19.21 5.47 -9.60
HB3 MSE A 72 18.10 5.44 -10.74
HG2 MSE A 72 16.57 4.68 -9.05
HG3 MSE A 72 17.69 5.08 -7.99
HE1 MSE A 72 15.33 7.88 -10.70
HE2 MSE A 72 16.38 6.82 -11.23
HE3 MSE A 72 15.07 6.33 -10.50
N THR A 73 20.08 3.11 -8.22
CA THR A 73 20.33 2.50 -6.92
C THR A 73 19.47 3.14 -5.83
N VAL A 74 19.29 2.44 -4.73
CA VAL A 74 18.56 3.00 -3.60
C VAL A 74 19.24 4.29 -3.12
N ASN A 75 20.57 4.33 -3.08
CA ASN A 75 21.26 5.55 -2.70
C ASN A 75 20.90 6.70 -3.64
N GLU A 76 20.86 6.42 -4.95
CA GLU A 76 20.50 7.45 -5.89
C GLU A 76 19.06 7.90 -5.72
N PHE A 77 18.16 6.95 -5.45
CA PHE A 77 16.77 7.28 -5.22
C PHE A 77 16.64 8.25 -4.03
N ILE A 78 17.32 7.95 -2.94
CA ILE A 78 17.25 8.80 -1.76
C ILE A 78 17.82 10.19 -2.07
N SER A 79 18.96 10.24 -2.72
CA SER A 79 19.60 11.52 -2.99
CA SER A 79 19.62 11.49 -3.05
C SER A 79 18.79 12.39 -3.96
N LYS A 80 18.16 11.78 -4.97
CA LYS A 80 17.45 12.54 -5.98
C LYS A 80 15.99 12.81 -5.66
N TYR A 81 15.35 11.90 -4.94
CA TYR A 81 13.91 11.96 -4.77
C TYR A 81 13.44 12.08 -3.34
N ILE A 82 14.33 11.94 -2.36
CA ILE A 82 13.92 11.98 -0.95
C ILE A 82 14.46 13.22 -0.25
N VAL A 83 15.77 13.44 -0.29
CA VAL A 83 16.37 14.46 0.55
C VAL A 83 16.38 15.81 -0.12
N ASN A 84 16.52 16.82 0.73
CA ASN A 84 16.62 18.21 0.32
C ASN A 84 15.39 18.61 -0.47
N GLU A 85 15.62 18.99 -1.72
CA GLU A 85 14.57 19.57 -2.51
C GLU A 85 14.41 18.91 -3.87
N PRO A 86 13.79 17.73 -3.91
CA PRO A 86 13.68 17.02 -5.20
C PRO A 86 12.98 17.79 -6.32
N ARG A 87 13.45 17.59 -7.56
CA ARG A 87 12.88 18.22 -8.74
C ARG A 87 11.45 17.77 -8.98
N ASP A 88 11.24 16.46 -8.82
CA ASP A 88 9.95 15.83 -9.06
C ASP A 88 9.70 14.78 -8.02
N VAL A 89 8.46 14.34 -7.97
CA VAL A 89 8.08 13.21 -7.15
C VAL A 89 8.58 11.91 -7.79
N GLY A 90 9.31 11.12 -7.02
CA GLY A 90 9.67 9.78 -7.43
C GLY A 90 9.25 8.80 -6.36
N TYR A 91 8.92 7.58 -6.78
CA TYR A 91 8.34 6.59 -5.88
C TYR A 91 8.94 5.21 -6.16
N LEU A 92 9.57 4.62 -5.15
CA LEU A 92 10.01 3.23 -5.22
C LEU A 92 8.78 2.39 -4.84
N ALA A 93 7.97 2.13 -5.85
CA ALA A 93 6.65 1.54 -5.70
C ALA A 93 6.60 0.09 -6.13
N GLN A 94 5.82 -0.70 -5.39
CA GLN A 94 5.44 -2.04 -5.83
C GLN A 94 6.65 -2.87 -6.22
N HIS A 95 7.62 -2.94 -5.33
CA HIS A 95 8.85 -3.65 -5.62
C HIS A 95 9.15 -4.72 -4.57
N GLN A 96 9.50 -5.94 -5.01
CA GLN A 96 9.77 -7.05 -4.10
C GLN A 96 11.18 -6.97 -3.53
N LEU A 97 11.36 -5.95 -2.71
CA LEU A 97 12.65 -5.62 -2.12
C LEU A 97 13.17 -6.71 -1.19
N PHE A 98 12.24 -7.46 -0.59
CA PHE A 98 12.59 -8.41 0.45
C PHE A 98 13.03 -9.75 -0.12
N ASP A 99 12.62 -10.04 -1.34
CA ASP A 99 13.18 -11.14 -2.11
C ASP A 99 14.58 -10.77 -2.59
N GLN A 100 14.76 -9.52 -2.98
CA GLN A 100 16.05 -9.00 -3.44
C GLN A 100 17.07 -8.93 -2.31
N ILE A 101 16.59 -8.60 -1.10
CA ILE A 101 17.47 -8.36 0.02
C ILE A 101 16.98 -9.13 1.25
N PRO A 102 17.37 -10.41 1.34
CA PRO A 102 16.91 -11.25 2.44
C PRO A 102 17.23 -10.70 3.82
N GLU A 103 18.30 -9.95 3.98
CA GLU A 103 18.62 -9.39 5.29
C GLU A 103 17.47 -8.48 5.78
N LEU A 104 16.89 -7.70 4.87
CA LEU A 104 15.82 -6.78 5.23
CA LEU A 104 15.81 -6.78 5.22
C LEU A 104 14.52 -7.53 5.56
N LYS A 105 14.32 -8.66 4.91
CA LYS A 105 13.13 -9.46 5.15
C LYS A 105 13.07 -9.91 6.62
N GLN A 106 14.22 -10.00 7.28
CA GLN A 106 14.23 -10.40 8.69
C GLN A 106 13.49 -9.43 9.58
N ASP A 107 13.28 -8.20 9.12
CA ASP A 107 12.71 -7.15 9.94
C ASP A 107 11.18 -7.07 9.85
N ILE A 108 10.59 -7.94 9.03
CA ILE A 108 9.15 -8.05 8.90
C ILE A 108 8.76 -9.52 9.07
N SER A 109 7.47 -9.80 9.10
CA SER A 109 6.99 -11.18 9.10
C SER A 109 5.63 -11.24 8.45
N ILE A 110 5.18 -12.45 8.14
CA ILE A 110 3.86 -12.64 7.57
C ILE A 110 2.82 -12.52 8.68
N PRO A 111 1.83 -11.63 8.51
CA PRO A 111 0.79 -11.55 9.55
C PRO A 111 0.12 -12.92 9.75
N ASP A 112 -0.16 -13.26 11.02
CA ASP A 112 -0.77 -14.54 11.34
C ASP A 112 -2.12 -14.72 10.65
N TYR A 113 -2.81 -13.62 10.41
CA TYR A 113 -4.12 -13.67 9.78
C TYR A 113 -4.10 -14.24 8.36
N CYS A 114 -2.94 -14.18 7.68
CA CYS A 114 -2.84 -14.73 6.34
C CYS A 114 -3.11 -16.25 6.30
N SER A 115 -2.97 -16.91 7.43
CA SER A 115 -3.21 -18.36 7.48
C SER A 115 -4.68 -18.71 7.25
N LEU A 116 -5.57 -17.72 7.32
CA LEU A 116 -6.98 -17.90 7.04
C LEU A 116 -7.25 -18.01 5.54
N GLY A 117 -6.24 -17.71 4.73
CA GLY A 117 -6.38 -17.81 3.29
C GLY A 117 -6.34 -19.24 2.80
N ASP A 118 -6.63 -19.41 1.52
CA ASP A 118 -6.56 -20.71 0.88
C ASP A 118 -5.25 -20.92 0.14
N GLY A 119 -4.42 -19.88 0.08
CA GLY A 119 -3.17 -19.93 -0.65
C GLY A 119 -2.01 -20.39 0.21
N GLU A 120 -0.87 -20.59 -0.44
CA GLU A 120 0.36 -21.01 0.22
C GLU A 120 1.17 -19.81 0.70
N GLU A 121 1.78 -19.94 1.87
CA GLU A 121 2.55 -18.83 2.44
C GLU A 121 3.69 -18.37 1.53
N GLU A 122 4.39 -19.27 0.88
N GLU A 122 4.30 -19.35 0.88
CA GLU A 122 5.52 -18.82 0.09
CA GLU A 122 5.39 -19.17 -0.08
C GLU A 122 5.08 -18.25 -1.27
C GLU A 122 5.05 -18.21 -1.19
N GLU A 123 3.77 -18.20 -1.53
CA GLU A 123 3.29 -17.49 -2.70
C GLU A 123 2.84 -16.07 -2.38
N ILE A 124 2.83 -15.70 -1.10
CA ILE A 124 2.47 -14.33 -0.72
C ILE A 124 3.48 -13.37 -1.35
N THR A 125 2.98 -12.31 -2.00
CA THR A 125 3.84 -11.32 -2.63
C THR A 125 4.01 -10.14 -1.67
N ILE A 126 5.26 -9.87 -1.33
CA ILE A 126 5.60 -8.80 -0.41
C ILE A 126 6.25 -7.66 -1.16
N ASN A 127 5.61 -6.49 -1.15
CA ASN A 127 6.12 -5.32 -1.86
C ASN A 127 6.46 -4.19 -0.93
N ALA A 128 7.55 -3.51 -1.26
CA ALA A 128 7.92 -2.25 -0.64
C ALA A 128 7.34 -1.08 -1.40
N TRP A 129 6.98 -0.04 -0.64
CA TRP A 129 6.50 1.23 -1.15
C TRP A 129 7.21 2.33 -0.37
N PHE A 130 8.20 2.96 -0.98
CA PHE A 130 9.10 3.89 -0.29
C PHE A 130 9.18 5.16 -1.11
N GLY A 131 8.85 6.29 -0.51
CA GLY A 131 8.91 7.53 -1.23
C GLY A 131 8.68 8.72 -0.35
N PRO A 132 8.81 9.91 -0.94
CA PRO A 132 8.61 11.16 -0.23
C PRO A 132 7.14 11.42 0.06
N GLN A 133 6.90 12.43 0.86
CA GLN A 133 5.59 13.02 0.95
C GLN A 133 5.08 13.33 -0.45
N GLY A 134 3.81 13.05 -0.72
CA GLY A 134 3.20 13.47 -1.96
C GLY A 134 3.10 12.40 -3.03
N THR A 135 3.65 11.22 -2.79
CA THR A 135 3.39 10.12 -3.75
C THR A 135 1.90 9.82 -3.76
N ILE A 136 1.38 9.50 -4.95
CA ILE A 136 -0.01 9.16 -5.13
C ILE A 136 -0.11 7.87 -5.94
N SER A 137 -0.85 6.90 -5.41
CA SER A 137 -1.24 5.72 -6.17
C SER A 137 -2.70 5.90 -6.55
N PRO A 138 -2.98 6.15 -7.83
CA PRO A 138 -4.35 6.40 -8.27
C PRO A 138 -5.29 5.22 -7.95
N LEU A 139 -6.57 5.54 -7.84
CA LEU A 139 -7.59 4.57 -7.50
C LEU A 139 -7.55 3.33 -8.38
N HIS A 140 -7.44 2.16 -7.76
CA HIS A 140 -7.33 0.90 -8.47
C HIS A 140 -7.72 -0.24 -7.54
N GLN A 141 -7.87 -1.44 -8.10
CA GLN A 141 -8.14 -2.64 -7.32
C GLN A 141 -7.13 -3.73 -7.68
N ASP A 142 -6.84 -4.58 -6.69
CA ASP A 142 -5.90 -5.68 -6.85
C ASP A 142 -6.62 -7.02 -6.75
N PRO A 143 -6.00 -8.07 -7.32
CA PRO A 143 -6.71 -9.35 -7.42
C PRO A 143 -6.54 -10.29 -6.22
N GLN A 144 -5.90 -9.84 -5.15
CA GLN A 144 -5.76 -10.64 -3.93
C GLN A 144 -6.10 -9.78 -2.71
N GLN A 145 -6.25 -10.43 -1.56
CA GLN A 145 -6.31 -9.72 -0.28
C GLN A 145 -5.00 -8.98 -0.05
N ASN A 146 -5.05 -7.95 0.78
CA ASN A 146 -3.84 -7.20 1.13
C ASN A 146 -3.83 -6.81 2.59
N PHE A 147 -2.69 -7.03 3.25
CA PHE A 147 -2.36 -6.30 4.47
C PHE A 147 -1.28 -5.27 4.15
N LEU A 148 -1.63 -3.99 4.25
CA LEU A 148 -0.72 -2.89 4.01
C LEU A 148 -0.22 -2.38 5.35
N VAL A 149 1.06 -2.60 5.61
CA VAL A 149 1.69 -2.31 6.89
C VAL A 149 2.47 -1.00 6.77
N GLN A 150 2.15 -0.05 7.63
CA GLN A 150 2.78 1.24 7.59
C GLN A 150 3.97 1.26 8.54
N VAL A 151 5.15 1.61 8.02
CA VAL A 151 6.37 1.57 8.82
C VAL A 151 6.89 2.97 9.15
N MSE A 152 7.07 3.81 8.14
CA MSE A 152 7.53 5.19 8.31
C MSE A 152 6.46 6.11 7.72
O MSE A 152 5.92 5.84 6.64
CB MSE A 152 8.84 5.40 7.54
CG MSE A 152 10.07 4.62 8.06
SE MSE A 152 11.61 4.72 6.90
CE MSE A 152 11.05 6.48 6.25
H MSE A 152 6.93 3.60 7.32
HA MSE A 152 7.66 5.39 9.25
HB2 MSE A 152 8.70 5.14 6.62
HB3 MSE A 152 9.07 6.34 7.58
HG2 MSE A 152 10.33 4.97 8.93
HG3 MSE A 152 9.83 3.67 8.15
HE1 MSE A 152 11.69 6.80 5.60
HE2 MSE A 152 10.18 6.40 5.83
HE3 MSE A 152 11.00 7.09 6.99
N GLY A 153 6.16 7.20 8.43
CA GLY A 153 5.23 8.20 7.94
C GLY A 153 3.79 7.76 7.91
N ARG A 154 2.96 8.62 7.37
CA ARG A 154 1.52 8.41 7.29
C ARG A 154 1.02 8.47 5.86
N LYS A 155 -0.09 7.78 5.61
CA LYS A 155 -0.77 7.79 4.32
C LYS A 155 -2.27 8.08 4.48
N TYR A 156 -2.79 8.94 3.61
CA TYR A 156 -4.23 9.11 3.47
C TYR A 156 -4.71 8.09 2.45
N ILE A 157 -5.72 7.30 2.84
CA ILE A 157 -6.22 6.22 2.02
C ILE A 157 -7.74 6.32 1.91
N ARG A 158 -8.22 6.22 0.68
CA ARG A 158 -9.65 6.16 0.43
CA ARG A 158 -9.64 6.20 0.35
C ARG A 158 -9.99 4.84 -0.24
N LEU A 159 -11.11 4.28 0.20
CA LEU A 159 -11.53 2.92 -0.17
C LEU A 159 -12.95 2.92 -0.69
N TYR A 160 -13.17 2.32 -1.86
CA TYR A 160 -14.50 2.19 -2.44
C TYR A 160 -14.76 0.71 -2.69
N SER A 161 -15.94 0.24 -2.30
CA SER A 161 -16.32 -1.17 -2.43
CA SER A 161 -16.22 -1.18 -2.43
C SER A 161 -16.38 -1.59 -3.88
N PRO A 162 -16.15 -2.87 -4.16
CA PRO A 162 -16.35 -3.37 -5.53
C PRO A 162 -17.80 -3.12 -6.02
N GLN A 163 -18.75 -3.00 -5.10
CA GLN A 163 -20.15 -2.74 -5.47
C GLN A 163 -20.31 -1.37 -6.11
N GLU A 164 -19.31 -0.51 -5.97
CA GLU A 164 -19.40 0.86 -6.46
C GLU A 164 -18.63 1.08 -7.79
N SER A 165 -18.19 -0.01 -8.41
CA SER A 165 -17.37 0.08 -9.62
C SER A 165 -18.00 0.94 -10.73
N GLY A 166 -19.33 0.91 -10.83
CA GLY A 166 -20.05 1.67 -11.85
C GLY A 166 -19.93 3.17 -11.71
N ALA A 167 -19.50 3.63 -10.54
CA ALA A 167 -19.32 5.06 -10.28
C ALA A 167 -17.86 5.48 -10.41
N LEU A 168 -16.97 4.52 -10.71
CA LEU A 168 -15.54 4.78 -10.69
C LEU A 168 -14.91 4.81 -12.07
N TYR A 169 -15.70 4.59 -13.10
CA TYR A 169 -15.25 4.77 -14.48
C TYR A 169 -13.92 4.08 -14.78
N PRO A 170 -13.90 2.74 -14.68
CA PRO A 170 -12.67 2.02 -15.02
C PRO A 170 -12.23 2.28 -16.46
N HIS A 171 -10.93 2.22 -16.70
CA HIS A 171 -10.41 2.29 -18.06
C HIS A 171 -10.98 1.16 -18.91
N ASP A 172 -11.14 1.42 -20.20
CA ASP A 172 -11.80 0.47 -21.11
C ASP A 172 -10.82 -0.42 -21.90
N THR A 173 -9.70 -0.79 -21.30
CA THR A 173 -8.82 -1.81 -21.88
C THR A 173 -8.62 -2.92 -20.86
N HIS A 174 -8.28 -4.11 -21.33
CA HIS A 174 -8.03 -5.20 -20.40
C HIS A 174 -6.89 -4.84 -19.45
N LEU A 175 -5.82 -4.27 -19.98
CA LEU A 175 -4.65 -3.98 -19.17
C LEU A 175 -4.97 -3.01 -18.03
N LEU A 176 -5.88 -2.07 -18.27
CA LEU A 176 -6.16 -1.01 -17.29
C LEU A 176 -7.55 -1.08 -16.64
N HIS A 177 -8.30 -2.17 -16.87
CA HIS A 177 -9.68 -2.19 -16.39
C HIS A 177 -9.78 -2.23 -14.87
N ASN A 178 -8.68 -2.54 -14.18
CA ASN A 178 -8.67 -2.48 -12.72
C ASN A 178 -8.19 -1.15 -12.16
N THR A 179 -8.13 -0.14 -13.01
CA THR A 179 -7.74 1.22 -12.63
CA THR A 179 -7.78 1.21 -12.57
C THR A 179 -8.83 2.21 -13.00
N SER A 180 -9.16 3.12 -12.09
CA SER A 180 -10.14 4.16 -12.33
C SER A 180 -9.60 5.28 -13.19
N GLN A 181 -10.45 5.89 -13.99
CA GLN A 181 -10.09 7.10 -14.72
C GLN A 181 -10.16 8.37 -13.89
N VAL A 182 -10.70 8.29 -12.68
CA VAL A 182 -10.96 9.46 -11.87
C VAL A 182 -9.78 9.79 -10.95
N ASP A 183 -9.49 11.08 -10.84
N ASP A 183 -9.51 11.09 -10.82
CA ASP A 183 -8.57 11.62 -9.83
CA ASP A 183 -8.55 11.61 -9.84
C ASP A 183 -9.37 11.83 -8.55
C ASP A 183 -9.33 11.86 -8.54
N VAL A 184 -9.18 10.96 -7.58
CA VAL A 184 -10.03 10.93 -6.40
C VAL A 184 -10.14 12.27 -5.71
N GLU A 185 -9.03 12.98 -5.55
CA GLU A 185 -9.05 14.19 -4.74
C GLU A 185 -9.35 15.45 -5.54
N ASN A 186 -9.51 15.33 -6.86
CA ASN A 186 -9.94 16.47 -7.67
C ASN A 186 -10.68 15.94 -8.88
N PRO A 187 -11.83 15.31 -8.64
CA PRO A 187 -12.51 14.61 -9.73
C PRO A 187 -13.12 15.57 -10.74
N ASP A 188 -13.06 15.20 -12.01
CA ASP A 188 -13.75 15.97 -13.02
C ASP A 188 -15.22 15.53 -13.03
N LEU A 189 -16.07 16.26 -12.33
CA LEU A 189 -17.45 15.84 -12.19
C LEU A 189 -18.30 16.13 -13.42
N GLU A 190 -17.79 16.92 -14.35
CA GLU A 190 -18.47 17.12 -15.63
C GLU A 190 -18.36 15.84 -16.44
N LYS A 191 -17.20 15.21 -16.38
CA LYS A 191 -16.97 13.98 -17.13
CA LYS A 191 -16.96 13.98 -17.12
C LYS A 191 -17.33 12.72 -16.34
N PHE A 192 -17.21 12.78 -15.03
CA PHE A 192 -17.42 11.61 -14.16
C PHE A 192 -18.45 11.92 -13.08
N PRO A 193 -19.66 12.31 -13.49
CA PRO A 193 -20.64 12.79 -12.50
C PRO A 193 -21.04 11.75 -11.44
N LYS A 194 -21.04 10.48 -11.79
CA LYS A 194 -21.46 9.43 -10.84
C LYS A 194 -20.50 9.27 -9.66
N PHE A 195 -19.28 9.77 -9.82
CA PHE A 195 -18.28 9.60 -8.78
C PHE A 195 -18.66 10.32 -7.48
N ALA A 196 -19.30 11.48 -7.62
CA ALA A 196 -19.54 12.34 -6.46
C ALA A 196 -20.37 11.65 -5.39
N LYS A 197 -21.34 10.83 -5.82
CA LYS A 197 -22.28 10.22 -4.89
C LYS A 197 -21.81 8.91 -4.29
N ALA A 198 -20.73 8.33 -4.82
CA ALA A 198 -20.31 7.02 -4.38
C ALA A 198 -19.79 7.07 -2.95
N PRO A 199 -20.32 6.21 -2.08
CA PRO A 199 -19.82 6.19 -0.69
C PRO A 199 -18.45 5.54 -0.59
N PHE A 200 -17.73 5.87 0.47
CA PHE A 200 -16.37 5.38 0.66
C PHE A 200 -16.00 5.36 2.13
N LEU A 201 -14.91 4.67 2.43
CA LEU A 201 -14.24 4.75 3.72
C LEU A 201 -12.92 5.48 3.52
N SER A 202 -12.38 6.05 4.60
CA SER A 202 -11.05 6.61 4.51
C SER A 202 -10.35 6.51 5.85
N CYS A 203 -9.04 6.72 5.81
CA CYS A 203 -8.26 6.73 7.03
C CYS A 203 -6.94 7.43 6.78
N ILE A 204 -6.29 7.79 7.88
CA ILE A 204 -4.88 8.10 7.85
C ILE A 204 -4.20 6.93 8.54
N LEU A 205 -3.38 6.20 7.78
CA LEU A 205 -2.68 5.04 8.29
C LEU A 205 -1.33 5.50 8.83
N SER A 206 -1.06 5.18 10.09
CA SER A 206 0.14 5.64 10.80
C SER A 206 1.10 4.49 11.09
N PRO A 207 2.35 4.83 11.46
CA PRO A 207 3.32 3.76 11.71
C PRO A 207 2.82 2.73 12.73
N GLY A 208 3.06 1.47 12.42
CA GLY A 208 2.69 0.37 13.28
C GLY A 208 1.32 -0.22 13.01
N GLU A 209 0.53 0.45 12.17
CA GLU A 209 -0.83 0.02 11.83
C GLU A 209 -0.83 -0.81 10.56
N ILE A 210 -1.78 -1.73 10.48
CA ILE A 210 -1.99 -2.55 9.28
C ILE A 210 -3.39 -2.28 8.74
N LEU A 211 -3.49 -1.92 7.46
CA LEU A 211 -4.77 -1.83 6.80
C LEU A 211 -5.07 -3.09 6.02
N PHE A 212 -6.19 -3.73 6.35
CA PHE A 212 -6.71 -4.82 5.54
C PHE A 212 -7.53 -4.25 4.39
N ILE A 213 -7.05 -4.47 3.17
CA ILE A 213 -7.76 -4.10 1.95
C ILE A 213 -8.30 -5.40 1.33
N PRO A 214 -9.61 -5.63 1.45
CA PRO A 214 -10.19 -6.86 0.91
C PRO A 214 -9.91 -7.00 -0.58
N VAL A 215 -9.83 -8.23 -1.04
CA VAL A 215 -9.67 -8.52 -2.45
C VAL A 215 -10.66 -7.70 -3.30
N LYS A 216 -10.12 -7.03 -4.32
N LYS A 216 -10.10 -7.05 -4.32
CA LYS A 216 -10.89 -6.21 -5.26
CA LYS A 216 -10.83 -6.20 -5.28
C LYS A 216 -11.38 -4.86 -4.73
C LYS A 216 -11.44 -4.90 -4.72
N TYR A 217 -11.18 -4.56 -3.46
CA TYR A 217 -11.60 -3.26 -2.94
C TYR A 217 -10.77 -2.18 -3.65
N TRP A 218 -11.44 -1.14 -4.12
CA TRP A 218 -10.74 -0.05 -4.78
C TRP A 218 -10.06 0.82 -3.72
N HIS A 219 -8.81 1.18 -3.97
CA HIS A 219 -8.03 1.98 -3.01
C HIS A 219 -7.21 3.03 -3.73
N TYR A 220 -7.08 4.17 -3.05
CA TYR A 220 -6.33 5.34 -3.48
C TYR A 220 -5.45 5.73 -2.30
N VAL A 221 -4.17 6.03 -2.55
CA VAL A 221 -3.22 6.23 -1.46
C VAL A 221 -2.32 7.42 -1.72
N ARG A 222 -2.26 8.36 -0.77
CA ARG A 222 -1.36 9.51 -0.84
C ARG A 222 -0.48 9.57 0.40
N ALA A 223 0.83 9.64 0.21
CA ALA A 223 1.74 9.79 1.35
C ALA A 223 1.69 11.21 1.89
N LEU A 224 1.56 11.33 3.20
CA LEU A 224 1.51 12.63 3.87
C LEU A 224 2.87 13.09 4.39
N ASP A 225 3.81 12.16 4.49
CA ASP A 225 5.16 12.39 4.99
C ASP A 225 6.06 11.48 4.17
N LEU A 226 7.37 11.61 4.36
CA LEU A 226 8.29 10.56 3.96
C LEU A 226 7.73 9.24 4.48
N SER A 227 7.59 8.26 3.60
CA SER A 227 6.81 7.08 3.91
C SER A 227 7.46 5.80 3.44
N PHE A 228 7.26 4.74 4.21
CA PHE A 228 7.64 3.38 3.83
C PHE A 228 6.52 2.48 4.31
N SER A 229 5.92 1.76 3.36
CA SER A 229 4.90 0.75 3.64
C SER A 229 5.34 -0.57 3.06
N VAL A 230 4.80 -1.65 3.61
CA VAL A 230 5.06 -3.00 3.13
C VAL A 230 3.69 -3.66 2.92
N SER A 231 3.40 -4.10 1.69
CA SER A 231 2.16 -4.80 1.42
C SER A 231 2.40 -6.31 1.31
N PHE A 232 1.40 -7.05 1.77
CA PHE A 232 1.36 -8.50 1.68
C PHE A 232 0.13 -8.87 0.88
N TRP A 233 0.33 -9.38 -0.33
CA TRP A 233 -0.76 -9.80 -1.21
C TRP A 233 -0.91 -11.30 -1.06
N TRP A 234 -2.08 -11.72 -0.61
CA TRP A 234 -2.30 -13.08 -0.18
C TRP A 234 -3.71 -13.51 -0.52
N SER A 235 -3.90 -14.82 -0.55
N SER A 235 -3.86 -14.86 -0.62
CA SER A 235 -5.18 -15.42 -0.89
CA SER A 235 -5.17 -15.39 -0.85
C SER A 235 -5.50 -16.54 0.06
C SER A 235 -5.27 -16.60 0.05
CO CO B . -2.87 -1.76 -4.67
C1 OGA C . -1.16 -1.75 -2.40
C2 OGA C . -1.16 -0.37 -2.96
C4 OGA C . -0.29 1.93 -2.85
C5 OGA C . 0.60 2.80 -2.05
O1 OGA C . -1.81 -2.59 -3.07
O2 OGA C . -0.52 -1.99 -1.33
O2' OGA C . -1.81 -0.11 -3.98
O3 OGA C . 0.94 3.90 -2.54
N1 OGA C . -0.39 0.60 -2.32
O4 OGA C . 0.95 2.41 -0.90
H4C1 OGA C . -1.17 2.32 -2.85
H4C2 OGA C . 0.04 1.89 -3.77
H1 OGA C . 0.09 0.38 -1.59
#